data_7O0R
#
_entry.id   7O0R
#
_cell.length_a   64.050
_cell.length_b   64.050
_cell.length_c   225.140
_cell.angle_alpha   90.000
_cell.angle_beta   90.000
_cell.angle_gamma   120.000
#
_symmetry.space_group_name_H-M   'P 32 2 1'
#
loop_
_entity.id
_entity.type
_entity.pdbx_description
1 polymer 'N6-adenosine-methyltransferase catalytic subunit'
2 polymer 'N6-adenosine-methyltransferase non-catalytic subunit'
3 non-polymer 4-[4-[(4,4-dimethylpiperidin-1-yl)methyl]phenyl]-9-[6-(propan-2-ylamino)pyrimidin-4-yl]-1,4,9-triazaspiro[5.5]undecan-2-one
4 non-polymer 'ACETATE ION'
5 water water
#
loop_
_entity_poly.entity_id
_entity_poly.type
_entity_poly.pdbx_seq_one_letter_code
_entity_poly.pdbx_strand_id
1 'polypeptide(L)'
;MGHHHHHHSSGRENLYFQGALTQSVGGDSSADRLFPPQWICCDIRYLDVSILGKFAVVMADPPWDIHMELPYGTLTDDEM
RRLNIPVLQDDGFLFLWVTGRAMELGRECLNLWGYERVDEIIWVKTNQLQRIIRTGRTGHWLNHGKEHCLVGVKGNPQGF
NQGLDCDVIVAEVRSTSHKPDEIYGMIERLSPGTRKIELFGRPHNVQPNWITLGNQLDGIHLLDPDVVARFKQRYPDGII
SKPKNL
;
A
2 'polypeptide(L)'
;MLKGTQSLNPHNDYCQHFVDTGHRPQNFIRDVGLADRFEEYPKLRELIRLKDELIAKSNTPPMYLQADIEAFDIRELTPK
FDVILLEPPLEEYYRETGITANEKCWTWDDIMKLEIDEIAAPRSFIFLWCGSGEGLDLGRVCLRKWGYRRCEDICWIKTN
KNNPGKTKTLDPKAVFQRTKEHCLMGIKGTVKRSTDGDFIHANVDIDLIITEEPEIGNIEKPVEIFHIIEHFCLGRRRLH
LFGRDSTIRPGWLTVGPTLTNSNYNAETYASYFSAPNSYLTGCTEEIERL
;
B
#
# COMPACT_ATOMS: atom_id res chain seq x y z
N LEU A 34 4.73 -20.28 27.99
CA LEU A 34 3.75 -21.38 27.91
C LEU A 34 3.01 -21.39 26.57
N PHE A 35 3.27 -22.44 25.79
CA PHE A 35 2.90 -22.47 24.38
C PHE A 35 1.42 -22.32 24.05
N PRO A 36 0.46 -22.90 24.79
CA PRO A 36 -0.94 -22.93 24.30
C PRO A 36 -1.57 -21.55 24.31
N PRO A 37 -2.73 -21.36 23.65
CA PRO A 37 -3.33 -20.03 23.54
C PRO A 37 -3.63 -19.40 24.89
N GLN A 38 -3.45 -18.08 24.99
CA GLN A 38 -3.77 -17.30 26.18
C GLN A 38 -4.51 -16.03 25.78
N TRP A 39 -5.32 -15.51 26.71
CA TRP A 39 -6.08 -14.31 26.37
C TRP A 39 -6.48 -13.54 27.63
N ILE A 40 -6.83 -12.27 27.42
CA ILE A 40 -7.29 -11.37 28.47
C ILE A 40 -8.44 -10.57 27.88
N CYS A 41 -9.63 -10.74 28.44
CA CYS A 41 -10.72 -9.84 28.15
C CYS A 41 -10.46 -8.55 28.89
N CYS A 42 -10.47 -7.44 28.16
CA CYS A 42 -10.18 -6.16 28.77
C CYS A 42 -10.57 -5.09 27.79
N ASP A 43 -10.68 -3.87 28.32
CA ASP A 43 -10.64 -2.65 27.53
C ASP A 43 -9.16 -2.34 27.34
N ILE A 44 -8.64 -2.57 26.12
CA ILE A 44 -7.21 -2.42 25.88
C ILE A 44 -6.72 -1.03 26.30
N ARG A 45 -7.62 -0.05 26.30
CA ARG A 45 -7.27 1.29 26.76
C ARG A 45 -6.74 1.28 28.20
N TYR A 46 -7.30 0.42 29.03
CA TYR A 46 -7.03 0.48 30.46
C TYR A 46 -6.10 -0.61 30.97
N LEU A 47 -5.87 -1.67 30.20
CA LEU A 47 -4.96 -2.71 30.66
C LEU A 47 -3.56 -2.16 30.80
N ASP A 48 -2.90 -2.55 31.88
CA ASP A 48 -1.50 -2.22 32.09
C ASP A 48 -0.70 -3.33 31.39
N VAL A 49 -0.33 -3.08 30.13
CA VAL A 49 0.36 -4.11 29.35
C VAL A 49 1.78 -4.37 29.83
N SER A 50 2.34 -3.53 30.70
CA SER A 50 3.68 -3.79 31.22
C SER A 50 3.76 -5.09 32.00
N ILE A 51 2.63 -5.69 32.38
CA ILE A 51 2.69 -7.00 33.02
C ILE A 51 2.96 -8.12 32.04
N LEU A 52 2.85 -7.87 30.74
CA LEU A 52 2.84 -8.96 29.77
C LEU A 52 4.22 -9.41 29.33
N GLY A 53 5.26 -8.62 29.60
CA GLY A 53 6.59 -8.98 29.09
C GLY A 53 6.84 -8.44 27.69
N LYS A 54 7.94 -8.91 27.10
CA LYS A 54 8.37 -8.50 25.76
C LYS A 54 8.02 -9.58 24.73
N PHE A 55 7.77 -9.14 23.49
CA PHE A 55 7.27 -10.03 22.46
C PHE A 55 8.08 -9.88 21.19
N ALA A 56 8.28 -11.00 20.49
CA ALA A 56 9.04 -10.96 19.24
C ALA A 56 8.24 -10.30 18.12
N VAL A 57 6.92 -10.47 18.13
CA VAL A 57 6.02 -9.91 17.15
C VAL A 57 4.82 -9.35 17.89
N VAL A 58 4.34 -8.19 17.45
CA VAL A 58 3.06 -7.60 17.84
C VAL A 58 2.19 -7.52 16.60
N MET A 59 0.92 -7.87 16.73
CA MET A 59 -0.04 -7.62 15.67
C MET A 59 -1.25 -6.90 16.23
N ALA A 60 -1.70 -5.88 15.51
CA ALA A 60 -2.91 -5.16 15.88
C ALA A 60 -3.80 -4.92 14.67
N ASP A 61 -5.10 -5.09 14.87
CA ASP A 61 -6.11 -4.80 13.87
C ASP A 61 -7.10 -3.85 14.51
N PRO A 62 -6.75 -2.56 14.63
CA PRO A 62 -7.49 -1.68 15.52
C PRO A 62 -8.85 -1.31 14.95
N PRO A 63 -9.83 -1.07 15.82
CA PRO A 63 -11.11 -0.46 15.43
C PRO A 63 -10.95 1.05 15.27
N TRP A 64 -10.41 1.46 14.13
CA TRP A 64 -10.16 2.88 13.91
C TRP A 64 -11.46 3.67 13.92
N ASP A 65 -11.39 4.92 14.33
CA ASP A 65 -12.59 5.74 14.47
C ASP A 65 -13.23 6.04 13.13
N ILE A 66 -14.55 5.79 13.06
CA ILE A 66 -15.42 6.01 11.90
C ILE A 66 -14.74 5.65 10.58
N PRO A 71 -21.26 -0.69 15.62
CA PRO A 71 -21.45 -2.12 15.94
C PRO A 71 -20.56 -2.61 17.07
N TYR A 72 -19.28 -2.30 16.99
CA TYR A 72 -18.28 -2.64 18.01
C TYR A 72 -17.66 -1.34 18.53
N GLY A 73 -16.92 -1.45 19.63
CA GLY A 73 -16.33 -0.26 20.23
C GLY A 73 -15.12 0.21 19.44
N THR A 74 -15.04 1.52 19.20
CA THR A 74 -13.91 2.12 18.52
C THR A 74 -13.03 2.86 19.52
N LEU A 75 -11.86 3.28 19.04
CA LEU A 75 -10.94 4.11 19.78
C LEU A 75 -10.70 5.37 18.95
N THR A 76 -10.67 6.52 19.61
CA THR A 76 -10.32 7.74 18.89
C THR A 76 -8.85 7.73 18.49
N ASP A 77 -8.52 8.66 17.59
CA ASP A 77 -7.13 8.80 17.15
C ASP A 77 -6.20 9.11 18.31
N ASP A 78 -6.66 9.91 19.26
CA ASP A 78 -5.81 10.19 20.41
C ASP A 78 -5.62 8.96 21.28
N GLU A 79 -6.65 8.13 21.41
CA GLU A 79 -6.52 6.90 22.21
C GLU A 79 -5.55 5.93 21.53
N MET A 80 -5.75 5.70 20.23
CA MET A 80 -4.81 4.93 19.41
C MET A 80 -3.38 5.40 19.65
N ARG A 81 -3.13 6.70 19.47
CA ARG A 81 -1.79 7.24 19.69
C ARG A 81 -1.29 6.93 21.09
N ARG A 82 -2.18 7.00 22.08
CA ARG A 82 -1.77 6.88 23.47
C ARG A 82 -1.54 5.44 23.93
N LEU A 83 -1.90 4.43 23.12
CA LEU A 83 -1.66 3.05 23.53
C LEU A 83 -0.20 2.84 23.88
N ASN A 84 0.05 1.99 24.86
CA ASN A 84 1.42 1.79 25.34
C ASN A 84 2.14 0.69 24.56
N ILE A 85 2.04 0.72 23.23
CA ILE A 85 2.78 -0.21 22.38
C ILE A 85 4.27 -0.21 22.68
N PRO A 86 4.91 0.92 23.02
CA PRO A 86 6.38 0.89 23.16
C PRO A 86 6.90 -0.06 24.22
N VAL A 87 6.12 -0.39 25.26
CA VAL A 87 6.63 -1.29 26.29
C VAL A 87 6.59 -2.75 25.88
N LEU A 88 5.91 -3.07 24.78
CA LEU A 88 5.71 -4.47 24.39
C LEU A 88 6.93 -5.11 23.73
N GLN A 89 7.89 -4.34 23.19
CA GLN A 89 9.02 -4.96 22.51
C GLN A 89 10.29 -4.16 22.74
N ASP A 90 11.44 -4.86 22.68
CA ASP A 90 12.73 -4.19 22.49
C ASP A 90 13.25 -4.36 21.07
N ASP A 91 13.27 -5.58 20.54
CA ASP A 91 13.66 -5.82 19.16
C ASP A 91 12.66 -6.78 18.56
N GLY A 92 11.98 -6.36 17.49
CA GLY A 92 11.02 -7.23 16.84
C GLY A 92 10.16 -6.45 15.87
N PHE A 93 9.07 -7.10 15.44
CA PHE A 93 8.26 -6.60 14.35
C PHE A 93 6.83 -6.33 14.80
N LEU A 94 6.23 -5.31 14.20
CA LEU A 94 4.84 -4.96 14.41
C LEU A 94 4.07 -5.16 13.11
N PHE A 95 2.92 -5.84 13.20
CA PHE A 95 2.01 -6.00 12.07
C PHE A 95 0.74 -5.24 12.38
N LEU A 96 0.43 -4.23 11.57
CA LEU A 96 -0.64 -3.26 11.85
C LEU A 96 -1.62 -3.18 10.67
N TRP A 97 -2.80 -3.78 10.81
CA TRP A 97 -3.81 -3.65 9.78
C TRP A 97 -4.40 -2.25 9.75
N VAL A 98 -4.63 -1.74 8.53
CA VAL A 98 -5.11 -0.39 8.29
C VAL A 98 -6.14 -0.43 7.16
N THR A 99 -7.00 0.58 7.12
CA THR A 99 -7.92 0.75 6.01
C THR A 99 -8.24 2.21 5.84
N GLY A 100 -8.79 2.56 4.67
CA GLY A 100 -9.25 3.90 4.42
C GLY A 100 -8.26 4.96 4.83
N ARG A 101 -8.68 5.87 5.72
CA ARG A 101 -7.79 6.94 6.18
C ARG A 101 -6.84 6.48 7.27
N ALA A 102 -7.08 5.29 7.83
CA ALA A 102 -6.13 4.80 8.80
C ALA A 102 -4.83 4.39 8.14
N MET A 103 -4.77 4.31 6.81
CA MET A 103 -3.49 4.05 6.15
C MET A 103 -2.48 5.12 6.55
N GLU A 104 -2.92 6.37 6.61
CA GLU A 104 -2.06 7.47 7.03
C GLU A 104 -1.94 7.53 8.55
N LEU A 105 -3.06 7.37 9.27
CA LEU A 105 -3.03 7.43 10.73
C LEU A 105 -2.27 6.25 11.31
N GLY A 106 -2.42 5.06 10.71
CA GLY A 106 -1.62 3.92 11.12
C GLY A 106 -0.13 4.14 10.94
N ARG A 107 0.25 4.80 9.84
CA ARG A 107 1.67 5.15 9.68
C ARG A 107 2.13 6.10 10.78
N GLU A 108 1.24 6.98 11.22
CA GLU A 108 1.58 7.92 12.29
C GLU A 108 1.78 7.18 13.61
N CYS A 109 0.82 6.34 13.99
CA CYS A 109 0.96 5.57 15.22
C CYS A 109 2.21 4.70 15.19
N LEU A 110 2.45 4.05 14.07
CA LEU A 110 3.61 3.19 13.94
C LEU A 110 4.89 3.97 14.20
N ASN A 111 5.00 5.15 13.61
CA ASN A 111 6.17 5.99 13.84
C ASN A 111 6.15 6.53 15.26
N LEU A 112 5.00 7.02 15.73
CA LEU A 112 4.95 7.51 17.12
C LEU A 112 5.32 6.43 18.11
N TRP A 113 4.93 5.18 17.86
CA TRP A 113 5.29 4.13 18.82
C TRP A 113 6.73 3.66 18.69
N GLY A 114 7.51 4.24 17.78
CA GLY A 114 8.92 3.89 17.70
C GLY A 114 9.32 2.88 16.65
N TYR A 115 8.48 2.61 15.67
CA TYR A 115 8.85 1.66 14.63
C TYR A 115 9.20 2.41 13.35
N GLU A 116 9.94 1.72 12.49
CA GLU A 116 10.10 2.11 11.10
C GLU A 116 9.32 1.14 10.24
N ARG A 117 8.50 1.64 9.31
CA ARG A 117 7.77 0.76 8.40
C ARG A 117 8.73 0.21 7.36
N VAL A 118 8.92 -1.10 7.35
CA VAL A 118 9.85 -1.76 6.44
C VAL A 118 9.18 -2.70 5.45
N ASP A 119 7.87 -2.94 5.54
CA ASP A 119 7.20 -3.77 4.55
C ASP A 119 5.72 -3.45 4.63
N GLU A 120 4.98 -3.87 3.62
CA GLU A 120 3.54 -3.63 3.59
C GLU A 120 2.94 -4.83 2.89
N ILE A 121 2.18 -5.61 3.63
CA ILE A 121 1.57 -6.83 3.13
C ILE A 121 0.21 -6.48 2.58
N ILE A 122 -0.15 -7.02 1.42
CA ILE A 122 -1.53 -6.87 0.99
C ILE A 122 -2.17 -8.25 0.91
N TRP A 123 -3.45 -8.29 1.23
CA TRP A 123 -4.25 -9.49 1.10
C TRP A 123 -5.22 -9.28 -0.03
N VAL A 124 -5.01 -10.00 -1.13
CA VAL A 124 -5.95 -10.00 -2.24
C VAL A 124 -7.11 -10.91 -1.86
N LYS A 125 -8.32 -10.34 -1.81
CA LYS A 125 -9.50 -11.07 -1.39
C LYS A 125 -10.12 -11.80 -2.59
N THR A 126 -10.22 -13.12 -2.50
CA THR A 126 -10.87 -13.93 -3.52
C THR A 126 -12.09 -14.66 -2.96
N ASN A 127 -12.87 -15.25 -3.86
CA ASN A 127 -13.89 -16.24 -3.49
C ASN A 127 -13.27 -17.63 -3.48
N GLN A 128 -14.10 -18.66 -3.28
CA GLN A 128 -13.62 -20.04 -3.23
C GLN A 128 -13.14 -20.55 -4.58
N LEU A 129 -13.40 -19.81 -5.68
CA LEU A 129 -12.88 -20.14 -7.00
C LEU A 129 -11.72 -19.23 -7.43
N GLN A 130 -11.04 -18.58 -6.47
CA GLN A 130 -9.80 -17.83 -6.72
C GLN A 130 -10.01 -16.66 -7.67
N ARG A 131 -11.19 -16.05 -7.60
CA ARG A 131 -11.53 -14.84 -8.35
C ARG A 131 -11.67 -13.67 -7.39
N ILE A 132 -11.22 -12.50 -7.83
CA ILE A 132 -11.20 -11.33 -6.97
C ILE A 132 -12.61 -10.88 -6.66
N ILE A 133 -12.95 -10.82 -5.36
CA ILE A 133 -14.23 -10.29 -4.89
C ILE A 133 -14.43 -8.85 -5.39
N HIS A 140 -14.29 4.02 -3.04
CA HIS A 140 -14.67 5.42 -3.19
C HIS A 140 -14.56 5.84 -4.67
N TRP A 141 -13.34 5.80 -5.21
CA TRP A 141 -13.13 5.99 -6.63
C TRP A 141 -12.93 4.67 -7.38
N LEU A 142 -12.49 3.63 -6.68
CA LEU A 142 -12.31 2.30 -7.24
C LEU A 142 -12.93 1.30 -6.28
N ASN A 143 -13.28 0.14 -6.81
CA ASN A 143 -13.62 -0.96 -5.92
C ASN A 143 -12.34 -1.50 -5.28
N HIS A 144 -12.47 -2.02 -4.05
CA HIS A 144 -11.33 -2.42 -3.25
C HIS A 144 -11.19 -3.94 -3.28
N GLY A 145 -10.02 -4.41 -3.72
CA GLY A 145 -9.80 -5.83 -3.86
C GLY A 145 -8.82 -6.36 -2.84
N LYS A 146 -8.36 -5.49 -1.95
CA LYS A 146 -7.30 -5.89 -1.04
C LYS A 146 -7.46 -5.19 0.31
N GLU A 147 -6.73 -5.73 1.29
CA GLU A 147 -6.52 -5.07 2.57
C GLU A 147 -5.03 -4.95 2.85
N HIS A 148 -4.68 -3.93 3.61
CA HIS A 148 -3.28 -3.60 3.84
C HIS A 148 -2.90 -3.89 5.29
N CYS A 149 -1.70 -4.42 5.48
CA CYS A 149 -1.12 -4.64 6.79
C CYS A 149 0.29 -4.06 6.78
N LEU A 150 0.48 -2.94 7.46
CA LEU A 150 1.79 -2.37 7.61
C LEU A 150 2.68 -3.26 8.47
N VAL A 151 3.97 -3.29 8.14
CA VAL A 151 4.95 -4.09 8.84
C VAL A 151 6.03 -3.14 9.35
N GLY A 152 6.15 -3.03 10.67
CA GLY A 152 7.14 -2.15 11.28
C GLY A 152 8.21 -2.90 12.05
N VAL A 153 9.40 -2.30 12.13
CA VAL A 153 10.51 -2.89 12.86
C VAL A 153 10.95 -1.95 13.99
N LYS A 154 11.32 -2.56 15.12
CA LYS A 154 11.84 -1.85 16.28
C LYS A 154 13.16 -2.47 16.64
N GLY A 155 14.19 -1.65 16.85
CA GLY A 155 15.44 -2.18 17.40
C GLY A 155 16.19 -2.99 16.37
N ASN A 156 16.92 -4.01 16.86
CA ASN A 156 17.79 -4.85 16.03
C ASN A 156 17.35 -6.29 16.13
N PRO A 157 16.30 -6.70 15.43
CA PRO A 157 15.81 -8.08 15.56
C PRO A 157 16.83 -9.06 14.98
N GLN A 158 17.12 -10.11 15.73
CA GLN A 158 18.11 -11.10 15.35
C GLN A 158 17.51 -12.50 15.32
N GLY A 159 17.93 -13.31 14.35
CA GLY A 159 17.49 -14.69 14.25
C GLY A 159 16.14 -14.88 13.61
N PHE A 160 15.59 -13.88 12.94
CA PHE A 160 14.33 -14.02 12.25
C PHE A 160 14.61 -14.53 10.84
N ASN A 161 13.63 -15.23 10.27
CA ASN A 161 13.80 -15.80 8.93
C ASN A 161 13.18 -14.87 7.89
N GLN A 162 13.84 -13.73 7.70
CA GLN A 162 13.35 -12.75 6.76
C GLN A 162 13.44 -13.26 5.33
N GLY A 163 12.46 -12.92 4.50
CA GLY A 163 12.44 -13.31 3.10
C GLY A 163 11.90 -14.69 2.80
N LEU A 164 11.29 -15.37 3.77
CA LEU A 164 10.71 -16.67 3.49
C LEU A 164 9.40 -16.54 2.74
N ASP A 165 8.58 -15.57 3.11
CA ASP A 165 7.33 -15.31 2.43
C ASP A 165 7.42 -14.02 1.64
N CYS A 166 6.45 -13.85 0.76
CA CYS A 166 6.34 -12.61 0.02
C CYS A 166 5.19 -11.79 0.56
N ASP A 167 5.09 -10.54 0.10
CA ASP A 167 4.20 -9.55 0.68
C ASP A 167 2.80 -9.57 0.10
N VAL A 168 2.39 -10.64 -0.57
CA VAL A 168 1.05 -10.75 -1.13
C VAL A 168 0.39 -12.01 -0.59
N ILE A 169 -0.78 -11.84 0.01
CA ILE A 169 -1.60 -12.95 0.47
C ILE A 169 -2.80 -13.09 -0.46
N VAL A 170 -3.07 -14.31 -0.90
CA VAL A 170 -4.23 -14.63 -1.75
C VAL A 170 -5.07 -15.62 -0.96
N ALA A 171 -6.26 -15.20 -0.56
CA ALA A 171 -7.05 -16.06 0.32
C ALA A 171 -8.50 -15.63 0.24
N GLU A 172 -9.38 -16.56 0.59
CA GLU A 172 -10.82 -16.35 0.52
C GLU A 172 -11.31 -15.56 1.74
N VAL A 173 -12.24 -14.63 1.51
CA VAL A 173 -12.91 -13.94 2.60
C VAL A 173 -13.75 -14.97 3.36
N ARG A 174 -13.22 -15.47 4.47
CA ARG A 174 -13.94 -16.50 5.23
C ARG A 174 -15.13 -15.89 5.97
N SER A 175 -14.89 -14.87 6.78
CA SER A 175 -15.96 -14.17 7.49
C SER A 175 -15.66 -12.68 7.48
N THR A 176 -16.70 -11.86 7.33
CA THR A 176 -16.50 -10.43 7.22
C THR A 176 -15.76 -9.90 8.44
N SER A 177 -14.93 -8.88 8.22
CA SER A 177 -14.08 -8.25 9.23
C SER A 177 -12.98 -9.16 9.78
N HIS A 178 -12.91 -10.43 9.38
CA HIS A 178 -11.85 -11.32 9.86
C HIS A 178 -10.61 -11.19 8.98
N LYS A 179 -9.45 -11.13 9.63
CA LYS A 179 -8.21 -11.21 8.89
C LYS A 179 -7.97 -12.66 8.44
N PRO A 180 -7.24 -12.87 7.35
CA PRO A 180 -7.01 -14.24 6.89
C PRO A 180 -6.03 -14.95 7.79
N ASP A 181 -6.30 -16.23 8.05
CA ASP A 181 -5.46 -17.05 8.92
C ASP A 181 -4.03 -17.18 8.39
N GLU A 182 -3.83 -16.96 7.10
CA GLU A 182 -2.49 -17.08 6.54
C GLU A 182 -1.48 -16.18 7.23
N ILE A 183 -1.92 -15.05 7.83
CA ILE A 183 -0.96 -14.13 8.44
C ILE A 183 -0.24 -14.81 9.59
N TYR A 184 -0.95 -15.66 10.32
CA TYR A 184 -0.32 -16.36 11.45
C TYR A 184 0.79 -17.28 10.97
N GLY A 185 0.58 -17.99 9.86
CA GLY A 185 1.63 -18.86 9.36
C GLY A 185 2.84 -18.09 8.91
N MET A 186 2.61 -16.94 8.27
CA MET A 186 3.72 -16.10 7.84
C MET A 186 4.54 -15.63 9.02
N ILE A 187 3.85 -15.24 10.09
CA ILE A 187 4.54 -14.74 11.27
C ILE A 187 5.29 -15.87 11.98
N GLU A 188 4.69 -17.07 12.01
CA GLU A 188 5.37 -18.20 12.63
C GLU A 188 6.61 -18.63 11.83
N ARG A 189 6.52 -18.66 10.50
CA ARG A 189 7.74 -18.97 9.75
C ARG A 189 8.81 -17.91 9.98
N LEU A 190 8.40 -16.65 10.14
CA LEU A 190 9.37 -15.57 10.29
C LEU A 190 10.05 -15.62 11.65
N SER A 191 9.31 -15.99 12.69
CA SER A 191 9.81 -16.02 14.08
C SER A 191 9.21 -17.24 14.77
N PRO A 192 9.75 -18.43 14.49
CA PRO A 192 9.14 -19.65 15.05
C PRO A 192 9.44 -19.81 16.53
N GLY A 193 8.42 -20.24 17.27
CA GLY A 193 8.56 -20.55 18.67
C GLY A 193 8.54 -19.38 19.64
N THR A 194 8.54 -18.14 19.17
CA THR A 194 8.66 -16.97 20.03
C THR A 194 7.31 -16.48 20.56
N ARG A 195 7.36 -15.64 21.59
CA ARG A 195 6.14 -15.06 22.17
C ARG A 195 5.57 -13.95 21.30
N LYS A 196 4.24 -13.95 21.14
CA LYS A 196 3.59 -12.98 20.28
C LYS A 196 2.33 -12.46 20.97
N ILE A 197 1.94 -11.25 20.64
CA ILE A 197 0.76 -10.66 21.26
C ILE A 197 -0.11 -10.02 20.19
N GLU A 198 -1.41 -10.26 20.28
CA GLU A 198 -2.38 -9.65 19.38
C GLU A 198 -3.28 -8.69 20.15
N LEU A 199 -3.40 -7.47 19.64
CA LEU A 199 -4.27 -6.43 20.18
C LEU A 199 -5.56 -6.35 19.36
N PHE A 200 -6.70 -6.29 20.05
CA PHE A 200 -8.00 -6.18 19.39
C PHE A 200 -8.34 -7.45 18.63
N GLY A 201 -8.03 -8.59 19.21
CA GLY A 201 -8.45 -9.85 18.64
C GLY A 201 -9.80 -10.30 19.19
N ARG A 202 -10.29 -11.39 18.61
CA ARG A 202 -11.56 -12.01 18.92
C ARG A 202 -11.32 -13.49 19.11
N PRO A 203 -12.28 -14.22 19.69
CA PRO A 203 -12.01 -15.63 20.03
C PRO A 203 -11.49 -16.47 18.86
N HIS A 204 -11.97 -16.26 17.63
CA HIS A 204 -11.39 -17.00 16.50
C HIS A 204 -9.91 -16.72 16.28
N ASN A 205 -9.32 -15.76 17.01
CA ASN A 205 -7.95 -15.34 16.77
C ASN A 205 -6.95 -16.01 17.68
N VAL A 206 -7.37 -16.70 18.74
CA VAL A 206 -6.41 -17.22 19.70
C VAL A 206 -5.60 -18.32 19.03
N GLN A 207 -4.30 -18.37 19.34
CA GLN A 207 -3.33 -19.23 18.70
C GLN A 207 -2.30 -19.64 19.74
N PRO A 208 -1.66 -20.79 19.57
CA PRO A 208 -0.48 -21.10 20.38
C PRO A 208 0.62 -20.07 20.17
N ASN A 209 1.44 -19.86 21.19
CA ASN A 209 2.49 -18.86 21.22
C ASN A 209 1.96 -17.43 21.22
N TRP A 210 0.65 -17.22 21.21
CA TRP A 210 0.05 -15.88 21.22
C TRP A 210 -0.72 -15.62 22.52
N ILE A 211 -0.66 -14.38 22.99
CA ILE A 211 -1.60 -13.84 23.95
C ILE A 211 -2.52 -12.88 23.22
N THR A 212 -3.83 -13.08 23.34
CA THR A 212 -4.82 -12.29 22.61
C THR A 212 -5.56 -11.35 23.55
N LEU A 213 -5.65 -10.07 23.18
CA LEU A 213 -6.35 -9.06 23.97
C LEU A 213 -7.53 -8.54 23.18
N GLY A 214 -8.66 -8.37 23.85
CA GLY A 214 -9.87 -7.87 23.23
C GLY A 214 -11.02 -7.90 24.22
N ASN A 215 -12.10 -7.17 23.98
CA ASN A 215 -13.13 -7.07 25.00
C ASN A 215 -14.25 -8.08 24.84
N GLN A 216 -14.27 -8.86 23.75
CA GLN A 216 -15.23 -9.94 23.56
C GLN A 216 -14.61 -11.29 23.83
N LEU A 217 -13.52 -11.34 24.57
CA LEU A 217 -12.96 -12.63 24.90
C LEU A 217 -13.63 -13.15 26.16
N ASP A 218 -13.39 -14.41 26.46
CA ASP A 218 -14.07 -15.09 27.57
C ASP A 218 -13.17 -15.02 28.80
N GLY A 219 -13.40 -14.00 29.62
CA GLY A 219 -12.60 -13.90 30.83
C GLY A 219 -11.11 -13.78 30.55
N ILE A 220 -10.33 -14.29 31.48
CA ILE A 220 -8.87 -14.21 31.48
C ILE A 220 -8.33 -15.62 31.53
N HIS A 221 -7.49 -15.99 30.57
CA HIS A 221 -6.92 -17.33 30.48
C HIS A 221 -5.42 -17.20 30.24
N LEU A 222 -4.64 -17.22 31.32
CA LEU A 222 -3.20 -17.07 31.29
C LEU A 222 -2.55 -18.32 31.85
N LEU A 223 -1.41 -18.69 31.26
CA LEU A 223 -0.77 -19.96 31.58
C LEU A 223 0.71 -19.79 31.82
N ASP A 224 1.29 -18.78 31.19
CA ASP A 224 2.68 -18.43 31.39
C ASP A 224 2.87 -18.01 32.84
N PRO A 225 3.75 -18.69 33.60
CA PRO A 225 3.91 -18.36 35.02
C PRO A 225 4.40 -16.95 35.29
N ASP A 226 5.33 -16.44 34.47
CA ASP A 226 5.77 -15.06 34.65
C ASP A 226 4.60 -14.10 34.51
N VAL A 227 3.76 -14.31 33.50
CA VAL A 227 2.62 -13.43 33.30
C VAL A 227 1.62 -13.58 34.44
N VAL A 228 1.31 -14.83 34.82
CA VAL A 228 0.33 -15.07 35.88
C VAL A 228 0.77 -14.36 37.16
N ALA A 229 2.06 -14.47 37.50
CA ALA A 229 2.60 -13.78 38.67
C ALA A 229 2.35 -12.27 38.59
N ARG A 230 2.71 -11.66 37.46
CA ARG A 230 2.61 -10.20 37.39
C ARG A 230 1.17 -9.74 37.35
N PHE A 231 0.28 -10.57 36.80
CA PHE A 231 -1.12 -10.19 36.75
C PHE A 231 -1.73 -10.15 38.14
N LYS A 232 -1.52 -11.20 38.94
CA LYS A 232 -2.06 -11.21 40.31
C LYS A 232 -1.52 -10.03 41.11
N GLN A 233 -0.22 -9.77 41.02
CA GLN A 233 0.37 -8.61 41.67
C GLN A 233 -0.32 -7.32 41.25
N ARG A 234 -0.45 -7.08 39.94
CA ARG A 234 -1.05 -5.85 39.45
C ARG A 234 -2.56 -5.82 39.69
N TYR A 235 -3.21 -6.97 39.67
CA TYR A 235 -4.67 -7.07 39.79
C TYR A 235 -5.05 -8.15 40.78
N PRO A 236 -4.83 -7.90 42.09
CA PRO A 236 -5.10 -8.95 43.09
C PRO A 236 -6.54 -9.41 43.12
N ASP A 237 -7.49 -8.57 42.72
CA ASP A 237 -8.90 -8.98 42.71
C ASP A 237 -9.41 -9.23 41.30
N GLY A 238 -8.51 -9.48 40.34
CA GLY A 238 -8.88 -9.86 38.99
C GLY A 238 -9.67 -8.82 38.23
N ILE A 239 -9.72 -7.58 38.72
CA ILE A 239 -10.50 -6.52 38.09
C ILE A 239 -9.53 -5.57 37.41
N ILE A 240 -9.74 -5.34 36.12
CA ILE A 240 -8.92 -4.43 35.32
C ILE A 240 -9.72 -3.15 35.12
N SER A 241 -9.45 -2.14 35.95
CA SER A 241 -10.24 -0.92 35.95
C SER A 241 -9.42 0.25 35.40
N LYS A 242 -10.15 1.30 34.98
CA LYS A 242 -9.55 2.47 34.34
C LYS A 242 -8.45 3.11 35.18
N ASN B 12 -6.68 -24.30 0.71
CA ASN B 12 -5.23 -24.27 0.54
C ASN B 12 -4.61 -23.01 1.11
N ASP B 13 -3.35 -23.12 1.56
CA ASP B 13 -2.56 -22.00 2.03
C ASP B 13 -1.53 -21.65 0.94
N TYR B 14 -1.79 -20.56 0.20
CA TYR B 14 -0.91 -20.21 -0.90
C TYR B 14 0.42 -19.64 -0.43
N CYS B 15 0.47 -19.08 0.77
CA CYS B 15 1.74 -18.61 1.34
C CYS B 15 2.67 -19.79 1.63
N GLN B 16 2.16 -20.83 2.31
CA GLN B 16 2.94 -22.05 2.53
C GLN B 16 3.37 -22.67 1.21
N HIS B 17 2.45 -22.71 0.24
CA HIS B 17 2.78 -23.16 -1.10
C HIS B 17 3.96 -22.39 -1.67
N PHE B 18 3.93 -21.05 -1.59
CA PHE B 18 5.05 -20.28 -2.12
C PHE B 18 6.35 -20.62 -1.41
N VAL B 19 6.27 -20.85 -0.10
CA VAL B 19 7.44 -21.36 0.61
C VAL B 19 7.83 -22.74 0.08
N ASP B 20 6.83 -23.56 -0.27
CA ASP B 20 7.11 -24.94 -0.71
C ASP B 20 7.69 -24.96 -2.12
N THR B 21 7.16 -24.14 -3.04
CA THR B 21 7.45 -24.29 -4.45
C THR B 21 8.10 -23.09 -5.11
N GLY B 22 8.03 -21.90 -4.52
CA GLY B 22 8.53 -20.71 -5.18
C GLY B 22 7.52 -20.01 -6.07
N HIS B 23 6.34 -20.59 -6.28
CA HIS B 23 5.26 -19.92 -6.99
C HIS B 23 4.57 -18.92 -6.06
N ARG B 24 4.60 -17.65 -6.47
CA ARG B 24 3.98 -16.59 -5.69
C ARG B 24 2.47 -16.81 -5.59
N PRO B 25 1.85 -16.49 -4.45
CA PRO B 25 0.41 -16.70 -4.32
C PRO B 25 -0.40 -16.07 -5.43
N GLN B 26 0.03 -14.93 -5.97
CA GLN B 26 -0.74 -14.27 -7.02
C GLN B 26 -0.82 -15.06 -8.32
N ASN B 27 0.12 -15.99 -8.56
CA ASN B 27 0.06 -16.88 -9.70
C ASN B 27 -1.26 -17.64 -9.80
N PHE B 28 -2.00 -17.78 -8.71
CA PHE B 28 -3.18 -18.64 -8.69
C PHE B 28 -4.48 -17.88 -8.68
N ILE B 29 -4.43 -16.55 -8.84
CA ILE B 29 -5.65 -15.80 -9.10
C ILE B 29 -6.13 -16.10 -10.52
N ARG B 30 -7.43 -16.29 -10.67
CA ARG B 30 -8.00 -16.60 -11.98
C ARG B 30 -8.73 -15.39 -12.52
N ASP B 31 -8.83 -15.33 -13.86
CA ASP B 31 -9.43 -14.17 -14.55
C ASP B 31 -8.64 -12.90 -14.22
N VAL B 32 -7.32 -13.00 -14.33
CA VAL B 32 -6.42 -11.94 -13.90
C VAL B 32 -5.39 -11.62 -14.98
N LEU B 47 -20.48 -2.90 -21.29
CA LEU B 47 -20.54 -1.80 -22.24
C LEU B 47 -19.53 -0.71 -21.91
N ILE B 48 -18.42 -1.08 -21.27
CA ILE B 48 -17.31 -0.16 -21.03
C ILE B 48 -16.49 0.08 -22.29
N ARG B 49 -16.83 -0.58 -23.40
CA ARG B 49 -16.18 -0.28 -24.66
C ARG B 49 -16.67 1.02 -25.26
N LEU B 50 -17.91 1.41 -24.95
CA LEU B 50 -18.39 2.72 -25.37
C LEU B 50 -17.61 3.83 -24.70
N LYS B 51 -17.38 3.71 -23.39
CA LYS B 51 -16.54 4.67 -22.68
C LYS B 51 -15.19 4.78 -23.36
N ASP B 52 -14.57 3.64 -23.67
CA ASP B 52 -13.28 3.65 -24.34
C ASP B 52 -13.34 4.39 -25.67
N GLU B 53 -14.37 4.11 -26.47
CA GLU B 53 -14.48 4.77 -27.77
C GLU B 53 -14.70 6.27 -27.61
N LEU B 54 -15.49 6.67 -26.61
CA LEU B 54 -15.64 8.09 -26.29
C LEU B 54 -14.32 8.70 -25.87
N ILE B 55 -13.54 7.99 -25.04
CA ILE B 55 -12.22 8.46 -24.65
C ILE B 55 -11.39 8.76 -25.89
N ALA B 56 -11.41 7.82 -26.84
CA ALA B 56 -10.56 7.93 -28.03
C ALA B 56 -10.99 9.10 -28.90
N LYS B 57 -12.29 9.31 -29.07
CA LYS B 57 -12.75 10.46 -29.86
C LYS B 57 -12.36 11.76 -29.18
N SER B 58 -12.47 11.82 -27.86
CA SER B 58 -12.19 13.04 -27.13
C SER B 58 -10.70 13.32 -26.98
N ASN B 59 -9.84 12.34 -27.25
CA ASN B 59 -8.42 12.47 -26.93
C ASN B 59 -7.75 13.53 -27.78
N THR B 60 -6.90 14.33 -27.15
CA THR B 60 -6.05 15.25 -27.88
C THR B 60 -4.99 14.46 -28.63
N PRO B 61 -4.36 15.05 -29.64
CA PRO B 61 -3.20 14.41 -30.23
C PRO B 61 -2.14 14.17 -29.19
N PRO B 62 -1.34 13.11 -29.34
CA PRO B 62 -0.22 12.92 -28.42
C PRO B 62 0.77 14.05 -28.54
N MET B 63 1.20 14.58 -27.40
CA MET B 63 2.21 15.62 -27.36
C MET B 63 3.31 15.21 -26.38
N TYR B 64 4.53 15.61 -26.69
CA TYR B 64 5.67 15.07 -25.99
C TYR B 64 6.84 16.04 -26.08
N LEU B 65 7.69 16.02 -25.05
CA LEU B 65 8.80 16.97 -24.99
C LEU B 65 9.96 16.34 -24.25
N GLN B 66 11.12 16.33 -24.89
CA GLN B 66 12.35 15.97 -24.21
C GLN B 66 12.75 17.11 -23.31
N ALA B 67 12.92 16.85 -22.02
CA ALA B 67 13.35 17.87 -21.08
C ALA B 67 13.99 17.19 -19.88
N ASP B 68 15.14 17.68 -19.45
CA ASP B 68 15.71 17.20 -18.20
C ASP B 68 14.96 17.90 -17.08
N ILE B 69 14.16 17.13 -16.34
CA ILE B 69 13.18 17.70 -15.42
C ILE B 69 13.83 18.37 -14.21
N GLU B 70 15.03 17.91 -13.81
CA GLU B 70 15.74 18.62 -12.76
C GLU B 70 16.07 20.06 -13.17
N ALA B 71 16.56 20.24 -14.39
CA ALA B 71 17.03 21.53 -14.89
C ALA B 71 15.94 22.29 -15.63
N PHE B 72 14.73 21.77 -15.64
CA PHE B 72 13.66 22.34 -16.43
C PHE B 72 12.74 23.11 -15.51
N ASP B 73 12.45 24.37 -15.85
CA ASP B 73 11.42 25.08 -15.11
C ASP B 73 10.08 24.41 -15.42
N ILE B 74 9.56 23.66 -14.45
CA ILE B 74 8.34 22.92 -14.69
C ILE B 74 7.18 23.86 -15.01
N ARG B 75 7.29 25.14 -14.64
CA ARG B 75 6.23 26.11 -14.92
C ARG B 75 6.07 26.39 -16.41
N GLU B 76 7.10 26.09 -17.22
CA GLU B 76 6.98 26.23 -18.67
C GLU B 76 5.97 25.29 -19.29
N LEU B 77 5.44 24.33 -18.52
CA LEU B 77 4.41 23.40 -18.99
C LEU B 77 3.06 23.98 -18.58
N THR B 78 2.30 24.42 -19.56
CA THR B 78 1.01 25.06 -19.32
C THR B 78 0.03 24.50 -20.34
N PRO B 79 -1.30 24.57 -20.06
CA PRO B 79 -1.90 25.14 -18.85
C PRO B 79 -1.85 24.18 -17.66
N LYS B 80 -2.66 24.44 -16.64
CA LYS B 80 -2.69 23.63 -15.43
C LYS B 80 -3.35 22.29 -15.72
N PHE B 81 -2.77 21.20 -15.21
CA PHE B 81 -3.19 19.87 -15.61
C PHE B 81 -4.30 19.30 -14.74
N ASP B 82 -5.21 18.55 -15.37
CA ASP B 82 -6.25 17.86 -14.63
C ASP B 82 -5.73 16.57 -14.02
N VAL B 83 -4.87 15.86 -14.75
CA VAL B 83 -4.27 14.61 -14.29
C VAL B 83 -2.76 14.71 -14.43
N ILE B 84 -2.03 14.22 -13.42
CA ILE B 84 -0.59 14.10 -13.52
C ILE B 84 -0.19 12.69 -13.14
N LEU B 85 0.51 12.02 -14.02
CA LEU B 85 1.09 10.72 -13.77
C LEU B 85 2.59 10.91 -13.65
N LEU B 86 3.14 10.51 -12.51
CA LEU B 86 4.51 10.83 -12.14
C LEU B 86 5.23 9.53 -11.91
N GLU B 87 6.28 9.30 -12.68
CA GLU B 87 6.93 7.99 -12.75
C GLU B 87 8.44 8.18 -12.62
N PRO B 88 8.91 8.69 -11.49
CA PRO B 88 10.34 9.00 -11.38
C PRO B 88 11.15 7.72 -11.34
N PRO B 89 12.29 7.68 -12.03
CA PRO B 89 13.12 6.47 -12.05
C PRO B 89 13.88 6.21 -10.76
N LEU B 90 13.36 5.29 -9.95
CA LEU B 90 13.91 5.01 -8.65
C LEU B 90 15.04 4.00 -8.74
N GLU B 91 16.07 4.21 -7.91
CA GLU B 91 17.18 3.25 -7.79
C GLU B 91 16.68 1.82 -7.64
N GLU B 92 15.63 1.61 -6.85
CA GLU B 92 15.15 0.26 -6.59
C GLU B 92 14.66 -0.43 -7.84
N TYR B 93 14.35 0.32 -8.91
CA TYR B 93 13.99 -0.30 -10.19
C TYR B 93 15.19 -0.95 -10.88
N TYR B 94 16.40 -0.53 -10.54
CA TYR B 94 17.61 -1.09 -11.13
C TYR B 94 18.27 -2.01 -10.11
N ARG B 95 17.60 -3.12 -9.83
CA ARG B 95 18.21 -4.20 -9.06
C ARG B 95 19.50 -4.64 -9.75
N GLU B 96 19.38 -5.41 -10.82
CA GLU B 96 20.54 -5.85 -11.59
C GLU B 96 20.74 -4.96 -12.82
N THR B 97 20.98 -3.68 -12.56
CA THR B 97 21.26 -2.71 -13.62
C THR B 97 21.74 -1.38 -13.02
N LYS B 104 20.05 8.48 -15.06
CA LYS B 104 20.07 9.12 -13.74
C LYS B 104 18.92 8.63 -12.88
N CYS B 105 19.22 7.94 -11.78
CA CYS B 105 18.19 7.61 -10.82
C CYS B 105 17.77 8.88 -10.06
N TRP B 106 16.47 8.98 -9.77
CA TRP B 106 15.95 10.04 -8.92
C TRP B 106 15.75 9.47 -7.53
N THR B 107 16.18 10.22 -6.52
CA THR B 107 15.85 9.84 -5.15
C THR B 107 14.58 10.54 -4.72
N TRP B 108 14.05 10.08 -3.59
CA TRP B 108 12.89 10.74 -3.02
C TRP B 108 13.23 12.14 -2.56
N ASP B 109 14.51 12.37 -2.21
CA ASP B 109 14.99 13.73 -1.97
C ASP B 109 14.73 14.62 -3.19
N ASP B 110 15.14 14.16 -4.38
CA ASP B 110 14.91 14.91 -5.61
C ASP B 110 13.43 15.04 -5.94
N ILE B 111 12.68 13.96 -5.80
CA ILE B 111 11.27 14.00 -6.21
C ILE B 111 10.49 14.98 -5.33
N MET B 112 10.79 14.98 -4.03
CA MET B 112 10.10 15.88 -3.11
C MET B 112 10.32 17.35 -3.45
N LYS B 113 11.36 17.70 -4.21
CA LYS B 113 11.68 19.07 -4.54
C LYS B 113 11.02 19.53 -5.83
N LEU B 114 10.30 18.65 -6.52
CA LEU B 114 9.56 19.02 -7.72
C LEU B 114 8.40 19.95 -7.38
N GLU B 115 8.23 21.01 -8.15
CA GLU B 115 7.20 22.00 -7.81
C GLU B 115 5.87 21.63 -8.45
N ILE B 116 5.38 20.44 -8.08
CA ILE B 116 4.22 19.86 -8.75
C ILE B 116 2.95 20.68 -8.53
N ASP B 117 2.87 21.37 -7.39
CA ASP B 117 1.68 22.17 -7.12
C ASP B 117 1.61 23.42 -7.97
N GLU B 118 2.71 23.81 -8.62
CA GLU B 118 2.72 24.96 -9.50
C GLU B 118 2.07 24.68 -10.85
N ILE B 119 1.94 23.41 -11.25
CA ILE B 119 1.37 23.05 -12.54
C ILE B 119 0.07 22.26 -12.42
N ALA B 120 -0.45 22.04 -11.22
CA ALA B 120 -1.67 21.26 -11.03
C ALA B 120 -2.87 22.18 -10.95
N ALA B 121 -3.96 21.81 -11.62
CA ALA B 121 -5.16 22.63 -11.56
C ALA B 121 -5.71 22.60 -10.14
N PRO B 122 -6.50 23.62 -9.74
CA PRO B 122 -6.99 23.64 -8.34
C PRO B 122 -7.77 22.40 -7.98
N ARG B 123 -8.56 21.88 -8.89
CA ARG B 123 -9.08 20.52 -8.75
C ARG B 123 -8.35 19.66 -9.77
N SER B 124 -7.61 18.67 -9.28
CA SER B 124 -6.83 17.82 -10.17
C SER B 124 -6.41 16.56 -9.42
N PHE B 125 -5.84 15.62 -10.17
CA PHE B 125 -5.52 14.31 -9.64
C PHE B 125 -4.08 13.98 -9.95
N ILE B 126 -3.45 13.22 -9.07
CA ILE B 126 -2.09 12.77 -9.32
C ILE B 126 -2.05 11.25 -9.15
N PHE B 127 -1.19 10.61 -9.94
CA PHE B 127 -0.92 9.20 -9.80
C PHE B 127 0.58 9.04 -9.70
N LEU B 128 1.04 8.60 -8.54
CA LEU B 128 2.46 8.56 -8.24
C LEU B 128 2.89 7.10 -8.05
N TRP B 129 3.74 6.63 -8.94
CA TRP B 129 4.40 5.34 -8.77
C TRP B 129 5.43 5.45 -7.66
N CYS B 130 5.24 4.68 -6.57
CA CYS B 130 6.06 4.77 -5.38
C CYS B 130 6.97 3.59 -5.14
N GLY B 131 6.89 2.56 -5.97
CA GLY B 131 7.74 1.41 -5.77
C GLY B 131 7.19 0.49 -4.70
N SER B 132 8.06 -0.08 -3.87
CA SER B 132 7.63 -0.98 -2.82
C SER B 132 8.37 -0.80 -1.52
N GLY B 133 9.28 0.17 -1.42
CA GLY B 133 10.01 0.39 -0.18
C GLY B 133 9.67 1.70 0.49
N GLU B 134 10.71 2.48 0.81
CA GLU B 134 10.50 3.77 1.49
C GLU B 134 9.54 4.66 0.72
N GLY B 135 9.41 4.46 -0.60
CA GLY B 135 8.50 5.25 -1.40
C GLY B 135 7.07 5.23 -0.94
N LEU B 136 6.64 4.16 -0.27
CA LEU B 136 5.26 4.13 0.21
C LEU B 136 5.02 5.17 1.29
N ASP B 137 6.08 5.59 1.98
CA ASP B 137 5.99 6.65 2.97
C ASP B 137 6.35 8.01 2.39
N LEU B 138 7.52 8.11 1.74
CA LEU B 138 7.94 9.40 1.20
C LEU B 138 7.03 9.86 0.07
N GLY B 139 6.44 8.92 -0.65
CA GLY B 139 5.45 9.28 -1.64
C GLY B 139 4.25 9.96 -1.01
N ARG B 140 3.88 9.52 0.20
CA ARG B 140 2.77 10.18 0.88
C ARG B 140 3.16 11.57 1.37
N VAL B 141 4.40 11.75 1.82
CA VAL B 141 4.88 13.09 2.15
C VAL B 141 4.77 13.99 0.94
N CYS B 142 5.20 13.49 -0.22
CA CYS B 142 5.12 14.24 -1.47
C CYS B 142 3.70 14.69 -1.74
N LEU B 143 2.74 13.76 -1.71
CA LEU B 143 1.36 14.11 -2.00
C LEU B 143 0.87 15.23 -1.09
N ARG B 144 1.20 15.15 0.20
CA ARG B 144 0.71 16.17 1.10
C ARG B 144 1.45 17.49 0.86
N LYS B 145 2.76 17.41 0.62
CA LYS B 145 3.53 18.61 0.29
C LYS B 145 2.93 19.33 -0.92
N TRP B 146 2.53 18.60 -1.95
CA TRP B 146 1.95 19.22 -3.13
C TRP B 146 0.46 19.49 -2.98
N GLY B 147 -0.13 19.18 -1.84
CA GLY B 147 -1.48 19.61 -1.56
C GLY B 147 -2.58 18.63 -1.87
N TYR B 148 -2.25 17.35 -2.02
CA TYR B 148 -3.25 16.33 -2.25
C TYR B 148 -3.50 15.55 -0.97
N ARG B 149 -4.61 14.84 -0.98
CA ARG B 149 -4.87 13.76 -0.04
C ARG B 149 -5.07 12.47 -0.82
N ARG B 150 -4.61 11.35 -0.28
CA ARG B 150 -4.68 10.06 -0.96
C ARG B 150 -6.09 9.49 -0.89
N CYS B 151 -6.71 9.21 -2.04
CA CYS B 151 -7.98 8.50 -2.01
C CYS B 151 -7.91 7.04 -2.47
N GLU B 152 -6.87 6.63 -3.22
CA GLU B 152 -6.74 5.23 -3.59
C GLU B 152 -5.29 4.80 -3.55
N ASP B 153 -5.09 3.50 -3.37
CA ASP B 153 -3.77 2.88 -3.36
C ASP B 153 -3.84 1.72 -4.36
N ILE B 154 -3.30 1.91 -5.56
CA ILE B 154 -3.38 0.91 -6.62
C ILE B 154 -2.12 0.06 -6.61
N CYS B 155 -2.26 -1.26 -6.42
CA CYS B 155 -1.10 -2.14 -6.35
C CYS B 155 -0.92 -2.94 -7.62
N TRP B 156 0.30 -2.91 -8.15
CA TRP B 156 0.69 -3.72 -9.29
C TRP B 156 1.35 -4.97 -8.75
N ILE B 157 0.63 -6.07 -8.86
CA ILE B 157 1.02 -7.35 -8.30
C ILE B 157 1.65 -8.19 -9.41
N LYS B 158 2.85 -8.68 -9.17
CA LYS B 158 3.65 -9.33 -10.20
C LYS B 158 3.64 -10.83 -9.94
N THR B 159 3.16 -11.58 -10.94
CA THR B 159 3.25 -13.02 -10.95
C THR B 159 4.64 -13.45 -11.41
N ASN B 160 5.02 -14.68 -11.06
CA ASN B 160 6.24 -15.30 -11.52
C ASN B 160 5.95 -16.67 -12.16
N LYS B 161 4.85 -16.75 -12.92
CA LYS B 161 4.46 -18.02 -13.52
C LYS B 161 5.54 -18.59 -14.41
N ASN B 162 6.37 -17.73 -15.01
CA ASN B 162 7.34 -18.17 -15.99
C ASN B 162 8.74 -18.38 -15.42
N ASN B 163 8.98 -17.98 -14.17
CA ASN B 163 10.27 -18.21 -13.53
C ASN B 163 10.02 -18.50 -12.06
N PRO B 164 9.31 -19.61 -11.76
CA PRO B 164 9.03 -19.95 -10.36
C PRO B 164 10.28 -20.09 -9.52
N GLY B 165 11.43 -20.38 -10.12
CA GLY B 165 12.65 -20.60 -9.35
C GLY B 165 13.33 -19.33 -8.90
N LYS B 166 13.51 -18.38 -9.84
CA LYS B 166 14.20 -17.12 -9.60
C LYS B 166 13.78 -16.51 -8.27
N THR B 167 14.76 -16.28 -7.39
CA THR B 167 14.47 -15.85 -6.04
C THR B 167 14.38 -14.33 -5.97
N LYS B 168 15.11 -13.72 -5.04
CA LYS B 168 15.04 -12.29 -4.83
C LYS B 168 16.13 -11.77 -3.90
N THR B 169 16.99 -10.89 -4.43
CA THR B 169 17.91 -10.15 -3.57
C THR B 169 17.11 -9.15 -2.76
N LEU B 170 16.91 -9.44 -1.47
CA LEU B 170 16.03 -8.65 -0.62
C LEU B 170 16.70 -7.35 -0.18
N ASP B 171 15.91 -6.28 -0.13
CA ASP B 171 16.33 -5.05 0.52
C ASP B 171 16.78 -5.39 1.94
N PRO B 172 17.89 -4.82 2.41
CA PRO B 172 18.36 -5.09 3.77
C PRO B 172 17.28 -4.99 4.84
N LYS B 173 16.45 -3.95 4.77
CA LYS B 173 15.38 -3.77 5.73
C LYS B 173 14.17 -4.66 5.47
N ALA B 174 14.10 -5.32 4.31
CA ALA B 174 12.92 -6.10 3.96
C ALA B 174 12.75 -7.28 4.91
N VAL B 175 11.49 -7.60 5.20
CA VAL B 175 11.14 -8.71 6.05
C VAL B 175 10.66 -9.81 5.11
N PHE B 176 9.98 -9.42 4.05
CA PHE B 176 9.39 -10.33 3.09
C PHE B 176 9.94 -10.05 1.70
N GLN B 177 9.77 -11.03 0.82
CA GLN B 177 10.04 -10.82 -0.59
C GLN B 177 9.01 -9.86 -1.18
N ARG B 178 9.50 -8.83 -1.86
CA ARG B 178 8.66 -7.78 -2.43
C ARG B 178 8.26 -8.13 -3.84
N THR B 179 6.95 -8.27 -4.08
CA THR B 179 6.41 -8.78 -5.35
C THR B 179 5.30 -7.88 -5.90
N LYS B 180 5.30 -6.59 -5.55
CA LYS B 180 4.27 -5.66 -5.96
C LYS B 180 4.88 -4.24 -5.98
N GLU B 181 4.20 -3.33 -6.68
CA GLU B 181 4.52 -1.91 -6.63
C GLU B 181 3.20 -1.16 -6.41
N HIS B 182 3.29 0.01 -5.76
CA HIS B 182 2.11 0.83 -5.48
C HIS B 182 2.11 2.10 -6.34
N CYS B 183 0.95 2.43 -6.89
CA CYS B 183 0.72 3.70 -7.54
C CYS B 183 -0.31 4.45 -6.70
N LEU B 184 0.09 5.53 -6.03
CA LEU B 184 -0.82 6.25 -5.15
C LEU B 184 -1.61 7.29 -5.94
N MET B 185 -2.91 7.35 -5.69
CA MET B 185 -3.78 8.33 -6.34
C MET B 185 -4.16 9.41 -5.34
N GLY B 186 -3.95 10.67 -5.73
CA GLY B 186 -4.25 11.79 -4.87
C GLY B 186 -5.20 12.76 -5.54
N ILE B 187 -6.03 13.40 -4.73
CA ILE B 187 -6.96 14.42 -5.19
C ILE B 187 -6.65 15.72 -4.44
N LYS B 188 -6.82 16.84 -5.13
CA LYS B 188 -6.77 18.15 -4.50
C LYS B 188 -7.97 18.95 -4.99
N GLY B 189 -8.56 19.73 -4.09
CA GLY B 189 -9.73 20.52 -4.42
C GLY B 189 -11.03 19.72 -4.52
N VAL B 204 -16.11 1.17 -11.77
CA VAL B 204 -15.96 0.11 -12.76
C VAL B 204 -14.66 -0.69 -12.58
N ASP B 205 -13.60 -0.04 -12.12
CA ASP B 205 -12.28 -0.66 -12.03
C ASP B 205 -11.95 -1.03 -10.58
N ILE B 206 -11.00 -1.95 -10.45
CA ILE B 206 -10.48 -2.41 -9.17
C ILE B 206 -9.13 -1.72 -8.93
N ASP B 207 -8.68 -1.67 -7.69
CA ASP B 207 -7.39 -1.08 -7.34
C ASP B 207 -6.23 -2.08 -7.42
N LEU B 208 -6.32 -3.05 -8.34
CA LEU B 208 -5.31 -4.08 -8.52
C LEU B 208 -4.97 -4.18 -10.00
N ILE B 209 -3.69 -4.31 -10.30
CA ILE B 209 -3.21 -4.67 -11.63
C ILE B 209 -2.34 -5.91 -11.47
N ILE B 210 -2.66 -6.95 -12.21
CA ILE B 210 -1.92 -8.21 -12.10
C ILE B 210 -1.34 -8.54 -13.47
N THR B 211 -0.01 -8.53 -13.56
CA THR B 211 0.70 -8.99 -14.73
C THR B 211 1.94 -9.76 -14.30
N GLU B 212 2.58 -10.41 -15.27
CA GLU B 212 3.80 -11.14 -15.01
C GLU B 212 4.96 -10.17 -14.79
N GLU B 213 5.84 -10.52 -13.86
CA GLU B 213 6.99 -9.68 -13.59
C GLU B 213 7.82 -9.48 -14.86
N PRO B 214 8.12 -8.25 -15.25
CA PRO B 214 8.87 -8.04 -16.48
C PRO B 214 10.31 -8.51 -16.36
N GLU B 215 10.94 -8.69 -17.52
CA GLU B 215 12.34 -9.07 -17.60
C GLU B 215 13.19 -8.09 -16.78
N ILE B 216 14.30 -8.60 -16.24
CA ILE B 216 15.16 -7.76 -15.41
C ILE B 216 15.66 -6.59 -16.25
N GLY B 217 15.74 -5.41 -15.63
CA GLY B 217 16.10 -4.20 -16.35
C GLY B 217 14.98 -3.54 -17.12
N ASN B 218 13.84 -4.21 -17.29
CA ASN B 218 12.66 -3.56 -17.87
C ASN B 218 11.98 -2.75 -16.78
N ILE B 219 11.90 -1.43 -17.00
CA ILE B 219 11.33 -0.55 -15.99
C ILE B 219 9.91 -0.14 -16.32
N GLU B 220 9.35 -0.60 -17.44
CA GLU B 220 8.03 -0.14 -17.84
C GLU B 220 6.99 -0.57 -16.81
N LYS B 221 6.09 0.35 -16.49
CA LYS B 221 4.91 0.06 -15.70
C LYS B 221 3.79 -0.42 -16.61
N PRO B 222 2.89 -1.26 -16.10
CA PRO B 222 1.82 -1.80 -16.95
C PRO B 222 0.94 -0.71 -17.51
N VAL B 223 0.59 -0.87 -18.79
CA VAL B 223 -0.22 0.12 -19.49
C VAL B 223 -1.64 0.18 -18.94
N GLU B 224 -2.03 -0.82 -18.16
CA GLU B 224 -3.33 -0.81 -17.51
C GLU B 224 -3.55 0.43 -16.64
N ILE B 225 -2.49 1.03 -16.13
CA ILE B 225 -2.70 2.21 -15.27
C ILE B 225 -3.35 3.32 -16.07
N PHE B 226 -3.02 3.43 -17.37
CA PHE B 226 -3.65 4.45 -18.20
C PHE B 226 -5.15 4.19 -18.36
N HIS B 227 -5.55 2.92 -18.47
CA HIS B 227 -6.98 2.60 -18.60
C HIS B 227 -7.74 3.00 -17.34
N ILE B 228 -7.24 2.57 -16.19
CA ILE B 228 -7.81 3.00 -14.92
C ILE B 228 -7.96 4.52 -14.91
N ILE B 229 -6.87 5.24 -15.20
CA ILE B 229 -6.90 6.70 -15.10
C ILE B 229 -7.94 7.28 -16.05
N GLU B 230 -7.89 6.87 -17.31
CA GLU B 230 -8.78 7.45 -18.31
C GLU B 230 -10.24 7.08 -18.04
N HIS B 231 -10.51 5.92 -17.41
CA HIS B 231 -11.89 5.58 -17.07
C HIS B 231 -12.44 6.42 -15.94
N PHE B 232 -11.62 7.22 -15.26
CA PHE B 232 -12.17 8.10 -14.24
C PHE B 232 -12.86 9.33 -14.82
N CYS B 233 -12.54 9.71 -16.07
CA CYS B 233 -13.16 10.87 -16.72
C CYS B 233 -12.90 12.16 -15.94
N LEU B 234 -11.63 12.44 -15.68
CA LEU B 234 -11.23 13.53 -14.79
C LEU B 234 -10.88 14.82 -15.50
N GLY B 235 -11.07 14.90 -16.82
CA GLY B 235 -10.58 16.02 -17.59
C GLY B 235 -9.54 15.58 -18.61
N ARG B 236 -9.18 16.52 -19.47
CA ARG B 236 -8.43 16.16 -20.66
C ARG B 236 -6.98 16.61 -20.64
N ARG B 237 -6.60 17.53 -19.76
CA ARG B 237 -5.17 17.92 -19.69
C ARG B 237 -4.45 16.91 -18.81
N ARG B 238 -3.75 15.96 -19.44
CA ARG B 238 -3.09 14.87 -18.75
C ARG B 238 -1.60 14.91 -19.01
N LEU B 239 -0.80 14.92 -17.95
CA LEU B 239 0.65 15.03 -18.05
C LEU B 239 1.31 13.78 -17.51
N HIS B 240 2.27 13.24 -18.25
CA HIS B 240 3.06 12.09 -17.80
C HIS B 240 4.49 12.54 -17.61
N LEU B 241 4.92 12.64 -16.36
CA LEU B 241 6.28 13.08 -16.09
C LEU B 241 7.17 11.86 -16.00
N PHE B 242 8.32 11.93 -16.67
CA PHE B 242 9.27 10.83 -16.80
C PHE B 242 8.77 9.71 -17.69
N GLY B 243 7.85 10.01 -18.61
CA GLY B 243 7.48 9.08 -19.65
C GLY B 243 8.63 8.89 -20.63
N ARG B 244 8.40 8.01 -21.60
CA ARG B 244 9.42 7.59 -22.55
C ARG B 244 8.81 7.55 -23.95
N ASP B 245 9.66 7.38 -24.97
CA ASP B 245 9.13 7.17 -26.33
C ASP B 245 8.06 6.10 -26.32
N SER B 246 8.25 5.06 -25.50
CA SER B 246 7.42 3.86 -25.49
C SER B 246 6.10 4.05 -24.76
N THR B 247 5.92 5.14 -24.02
CA THR B 247 4.67 5.37 -23.30
C THR B 247 3.81 6.45 -23.93
N ILE B 248 4.31 7.13 -24.98
CA ILE B 248 3.53 8.19 -25.62
C ILE B 248 2.17 7.64 -26.05
N ARG B 249 1.15 8.47 -25.94
CA ARG B 249 -0.19 7.93 -26.01
C ARG B 249 -1.13 9.08 -26.30
N PRO B 250 -2.15 8.89 -27.13
CA PRO B 250 -3.08 9.98 -27.41
C PRO B 250 -3.76 10.42 -26.13
N GLY B 251 -4.07 11.70 -26.05
CA GLY B 251 -4.64 12.25 -24.85
C GLY B 251 -3.66 12.59 -23.75
N TRP B 252 -2.35 12.44 -23.98
CA TRP B 252 -1.36 12.69 -22.97
C TRP B 252 -0.26 13.60 -23.49
N LEU B 253 0.23 14.45 -22.60
CA LEU B 253 1.49 15.17 -22.79
C LEU B 253 2.53 14.44 -21.96
N THR B 254 3.57 13.98 -22.64
CA THR B 254 4.64 13.23 -22.05
C THR B 254 5.90 14.08 -22.03
N VAL B 255 6.54 14.17 -20.86
CA VAL B 255 7.74 14.97 -20.69
C VAL B 255 8.77 14.13 -19.93
N GLY B 256 9.97 14.06 -20.47
CA GLY B 256 10.99 13.29 -19.80
C GLY B 256 12.30 13.38 -20.52
N PRO B 257 13.39 13.01 -19.82
CA PRO B 257 14.73 13.20 -20.40
C PRO B 257 15.11 12.23 -21.49
N THR B 258 14.47 11.07 -21.63
CA THR B 258 14.95 10.13 -22.63
C THR B 258 14.14 10.14 -23.93
N LEU B 259 13.14 11.01 -24.05
CA LEU B 259 12.44 11.16 -25.32
C LEU B 259 13.43 11.56 -26.43
N THR B 260 13.31 10.93 -27.59
CA THR B 260 14.20 11.24 -28.70
C THR B 260 13.70 12.39 -29.57
N ASN B 261 12.41 12.69 -29.51
CA ASN B 261 11.80 13.73 -30.32
C ASN B 261 10.85 14.54 -29.46
N SER B 262 10.55 15.76 -29.92
CA SER B 262 9.58 16.63 -29.28
C SER B 262 8.65 17.22 -30.32
N ASN B 263 7.41 17.46 -29.92
CA ASN B 263 6.49 18.24 -30.73
C ASN B 263 5.71 19.22 -29.86
N TYR B 264 6.07 19.38 -28.59
CA TYR B 264 5.32 20.26 -27.71
C TYR B 264 5.40 21.73 -28.14
N ASN B 265 4.24 22.36 -28.23
CA ASN B 265 4.13 23.81 -28.33
C ASN B 265 3.05 24.24 -27.34
N ALA B 266 3.41 25.16 -26.44
CA ALA B 266 2.50 25.57 -25.37
C ALA B 266 1.21 26.12 -25.96
N GLU B 267 1.31 27.00 -26.95
CA GLU B 267 0.11 27.60 -27.52
C GLU B 267 -0.70 26.58 -28.31
N THR B 268 -0.02 25.73 -29.11
CA THR B 268 -0.74 24.63 -29.75
C THR B 268 -1.44 23.75 -28.72
N TYR B 269 -0.73 23.37 -27.65
CA TYR B 269 -1.32 22.54 -26.62
C TYR B 269 -2.55 23.22 -26.00
N ALA B 270 -2.41 24.49 -25.60
CA ALA B 270 -3.53 25.21 -24.99
C ALA B 270 -4.74 25.23 -25.92
N SER B 271 -4.50 25.32 -27.23
CA SER B 271 -5.58 25.42 -28.19
C SER B 271 -6.53 24.24 -28.13
N TYR B 272 -6.07 23.07 -27.66
CA TYR B 272 -6.95 21.91 -27.62
C TYR B 272 -8.03 22.04 -26.56
N PHE B 273 -7.86 22.95 -25.61
CA PHE B 273 -8.76 23.10 -24.47
C PHE B 273 -9.43 24.45 -24.42
N SER B 274 -9.23 25.32 -25.41
CA SER B 274 -9.96 26.56 -25.49
C SER B 274 -11.45 26.28 -25.67
N ALA B 275 -12.28 27.27 -25.32
CA ALA B 275 -13.73 27.12 -25.41
C ALA B 275 -14.13 26.78 -26.84
N PRO B 276 -15.20 25.98 -27.03
CA PRO B 276 -16.14 25.48 -26.01
C PRO B 276 -15.68 24.26 -25.21
N ASN B 277 -14.40 23.90 -25.28
CA ASN B 277 -13.96 22.59 -24.84
C ASN B 277 -13.25 22.62 -23.48
N SER B 278 -13.40 23.70 -22.71
CA SER B 278 -12.55 23.91 -21.54
C SER B 278 -12.76 22.86 -20.46
N TYR B 279 -14.00 22.39 -20.28
CA TYR B 279 -14.35 21.61 -19.09
C TYR B 279 -14.70 20.17 -19.40
N LEU B 280 -14.36 19.66 -20.59
CA LEU B 280 -14.77 18.32 -20.95
C LEU B 280 -14.14 17.31 -20.00
N THR B 281 -14.89 16.26 -19.69
CA THR B 281 -14.37 15.19 -18.85
C THR B 281 -13.40 14.28 -19.61
N GLY B 282 -13.49 14.24 -20.92
CA GLY B 282 -12.80 13.22 -21.68
C GLY B 282 -13.60 11.94 -21.88
N CYS B 283 -14.85 11.90 -21.43
CA CYS B 283 -15.76 10.77 -21.64
C CYS B 283 -17.06 11.18 -22.31
N THR B 284 -17.10 12.36 -22.93
CA THR B 284 -18.31 12.84 -23.59
C THR B 284 -18.00 13.16 -25.05
N GLU B 285 -19.07 13.30 -25.83
CA GLU B 285 -18.93 13.56 -27.26
C GLU B 285 -18.25 14.92 -27.50
N GLU B 286 -17.62 15.04 -28.66
CA GLU B 286 -17.07 16.33 -29.06
C GLU B 286 -18.20 17.32 -29.31
N ILE B 287 -17.93 18.59 -29.01
CA ILE B 287 -18.89 19.66 -29.27
C ILE B 287 -18.83 20.02 -30.75
N GLU B 288 -19.97 19.94 -31.43
CA GLU B 288 -20.06 20.16 -32.88
C GLU B 288 -19.42 21.47 -33.34
#